data_1C80
#
_entry.id   1C80
#
_cell.length_a   120.8
_cell.length_b   51.6
_cell.length_c   79.9
_cell.angle_alpha   90
_cell.angle_beta   126.1
_cell.angle_gamma   90
#
_symmetry.space_group_name_H-M   'C 1 2 1'
#
loop_
_entity.id
_entity.type
_entity.pdbx_description
1 polymer FRUCTOSE-2,6-BISPHOSPHATASE
2 non-polymer 'PHOSPHATE ION'
3 non-polymer "GUANOSINE-5'-TRIPHOSPHATE"
4 water water
#
_entity_poly.entity_id   1
_entity_poly.type   'polypeptide(L)'
_entity_poly.pdbx_seq_one_letter_code
;MRSIYLCRHGESELNLRGRIGGDSGLSARGKQYAYALANFIRSQGISSLKVWTSHMKRTIQTAEALGVPYEQWKALNEID
AGVCEEMTYEEIQEHYPEEFALRDQDKYRYRYPKGESYEDLVQRLEPVIMELERQENVLVICHQAVMRCLLAYFLDKSSD
ELPYLKCPLHTVLKLTPVAYGCRVESIYLNV
;
_entity_poly.pdbx_strand_id   A,B
#
loop_
_chem_comp.id
_chem_comp.type
_chem_comp.name
_chem_comp.formula
GTP non-polymer GUANOSINE-5'-TRIPHOSPHATE 'C10 H16 N5 O14 P3'
PO4 non-polymer 'PHOSPHATE ION' 'O4 P -3'
#
# COMPACT_ATOMS: atom_id res chain seq x y z
N MET A 1 -1.75 38.33 8.69
CA MET A 1 -1.85 36.85 8.68
C MET A 1 -1.81 36.37 7.23
N ARG A 2 -1.03 35.31 6.99
CA ARG A 2 -0.91 34.72 5.67
C ARG A 2 -0.95 33.21 5.86
N SER A 3 -1.67 32.52 4.98
CA SER A 3 -1.78 31.08 5.06
C SER A 3 -1.37 30.41 3.76
N ILE A 4 -0.86 29.18 3.88
CA ILE A 4 -0.44 28.38 2.74
C ILE A 4 -1.42 27.21 2.79
N TYR A 5 -2.34 27.17 1.85
CA TYR A 5 -3.32 26.11 1.80
C TYR A 5 -2.80 24.96 0.95
N LEU A 6 -2.23 23.95 1.60
CA LEU A 6 -1.69 22.80 0.88
C LEU A 6 -2.76 21.72 0.79
N CYS A 7 -3.00 21.19 -0.41
CA CYS A 7 -3.96 20.13 -0.57
C CYS A 7 -3.55 19.27 -1.75
N ARG A 8 -3.99 18.02 -1.73
CA ARG A 8 -3.69 17.07 -2.78
C ARG A 8 -4.76 17.25 -3.86
N HIS A 9 -4.44 16.87 -5.09
CA HIS A 9 -5.39 16.94 -6.19
C HIS A 9 -6.59 16.06 -5.82
N GLY A 10 -7.71 16.26 -6.50
CA GLY A 10 -8.87 15.44 -6.21
C GLY A 10 -8.61 14.01 -6.66
N GLU A 11 -9.16 13.03 -5.96
CA GLU A 11 -8.98 11.60 -6.27
C GLU A 11 -8.92 11.33 -7.78
N SER A 12 -7.88 10.62 -8.20
CA SER A 12 -7.73 10.29 -9.60
C SER A 12 -8.23 8.88 -9.86
N GLU A 13 -8.39 8.55 -11.14
CA GLU A 13 -8.83 7.23 -11.54
C GLU A 13 -7.82 6.19 -11.03
N LEU A 14 -6.54 6.47 -11.21
CA LEU A 14 -5.50 5.55 -10.75
C LEU A 14 -5.50 5.37 -9.23
N ASN A 15 -5.85 6.42 -8.48
CA ASN A 15 -5.92 6.35 -7.02
C ASN A 15 -6.95 5.30 -6.63
N LEU A 16 -8.11 5.38 -7.28
CA LEU A 16 -9.22 4.48 -7.05
C LEU A 16 -8.93 3.04 -7.43
N ARG A 17 -8.03 2.86 -8.39
CA ARG A 17 -7.66 1.53 -8.89
C ARG A 17 -6.49 0.84 -8.22
N GLY A 18 -5.82 1.51 -7.31
CA GLY A 18 -4.71 0.82 -6.68
C GLY A 18 -3.31 1.13 -7.12
N ARG A 19 -3.18 2.13 -7.98
CA ARG A 19 -1.89 2.42 -8.54
C ARG A 19 -1.25 3.76 -8.23
N ILE A 20 0.08 3.73 -8.19
CA ILE A 20 0.89 4.89 -7.92
C ILE A 20 1.35 5.58 -9.20
N GLY A 21 1.72 6.85 -9.10
CA GLY A 21 2.17 7.58 -10.25
C GLY A 21 1.14 7.75 -11.35
N GLY A 22 1.64 7.80 -12.59
CA GLY A 22 0.79 7.96 -13.75
C GLY A 22 0.31 9.39 -13.92
N ASP A 23 -0.50 9.61 -14.95
CA ASP A 23 -1.04 10.93 -15.23
C ASP A 23 -2.53 10.79 -15.55
N SER A 24 -3.29 10.28 -14.59
CA SER A 24 -4.72 10.09 -14.81
C SER A 24 -5.51 11.32 -14.39
N GLY A 25 -6.77 11.38 -14.81
CA GLY A 25 -7.64 12.48 -14.47
C GLY A 25 -8.48 12.18 -13.24
N LEU A 26 -9.19 13.19 -12.77
CA LEU A 26 -10.05 13.07 -11.59
C LEU A 26 -11.24 12.15 -11.81
N SER A 27 -11.51 11.32 -10.81
CA SER A 27 -12.67 10.42 -10.85
C SER A 27 -13.89 11.32 -10.61
N ALA A 28 -15.09 10.77 -10.75
CA ALA A 28 -16.29 11.57 -10.51
C ALA A 28 -16.27 12.14 -9.09
N ARG A 29 -15.80 11.34 -8.13
CA ARG A 29 -15.71 11.78 -6.73
C ARG A 29 -14.60 12.83 -6.61
N GLY A 30 -13.54 12.66 -7.38
CA GLY A 30 -12.44 13.62 -7.36
C GLY A 30 -12.95 14.97 -7.84
N LYS A 31 -13.74 14.95 -8.91
CA LYS A 31 -14.34 16.15 -9.48
C LYS A 31 -15.23 16.83 -8.44
N GLN A 32 -15.96 16.02 -7.68
CA GLN A 32 -16.84 16.53 -6.63
C GLN A 32 -16.02 17.28 -5.58
N TYR A 33 -14.82 16.78 -5.29
CA TYR A 33 -13.96 17.44 -4.33
C TYR A 33 -13.49 18.77 -4.90
N ALA A 34 -13.25 18.79 -6.22
CA ALA A 34 -12.81 20.01 -6.88
C ALA A 34 -13.84 21.11 -6.64
N TYR A 35 -15.12 20.73 -6.71
CA TYR A 35 -16.21 21.67 -6.51
C TYR A 35 -16.35 22.06 -5.03
N ALA A 36 -16.16 21.10 -4.14
CA ALA A 36 -16.25 21.36 -2.71
C ALA A 36 -15.16 22.33 -2.32
N LEU A 37 -13.97 22.11 -2.85
CA LEU A 37 -12.80 22.94 -2.60
C LEU A 37 -13.06 24.38 -3.04
N ALA A 38 -13.72 24.53 -4.18
CA ALA A 38 -14.08 25.85 -4.72
C ALA A 38 -15.03 26.56 -3.76
N ASN A 39 -16.00 25.82 -3.24
CA ASN A 39 -16.97 26.36 -2.31
C ASN A 39 -16.29 26.82 -1.02
N PHE A 40 -15.34 26.02 -0.55
CA PHE A 40 -14.59 26.32 0.67
C PHE A 40 -13.77 27.60 0.50
N ILE A 41 -13.06 27.71 -0.62
CA ILE A 41 -12.24 28.87 -0.92
C ILE A 41 -13.03 30.16 -0.84
N ARG A 42 -14.22 30.18 -1.46
CA ARG A 42 -15.05 31.36 -1.44
C ARG A 42 -15.46 31.72 -0.02
N SER A 43 -15.86 30.71 0.75
CA SER A 43 -16.27 30.91 2.13
C SER A 43 -15.16 31.54 2.97
N GLN A 44 -13.92 31.33 2.56
CA GLN A 44 -12.78 31.89 3.27
C GLN A 44 -12.67 33.41 3.13
N GLY A 45 -13.20 33.94 2.03
CA GLY A 45 -13.15 35.37 1.80
C GLY A 45 -11.72 35.85 1.64
N ILE A 46 -10.87 34.96 1.11
CA ILE A 46 -9.46 35.24 0.91
C ILE A 46 -9.17 36.36 -0.10
N SER A 47 -8.14 37.16 0.20
CA SER A 47 -7.72 38.25 -0.68
C SER A 47 -6.68 37.70 -1.64
N SER A 48 -6.59 38.30 -2.82
CA SER A 48 -5.64 37.90 -3.88
C SER A 48 -4.93 36.56 -3.68
N LEU A 49 -5.69 35.48 -3.89
CA LEU A 49 -5.19 34.12 -3.72
C LEU A 49 -4.45 33.66 -4.96
N LYS A 50 -3.29 33.05 -4.75
CA LYS A 50 -2.50 32.53 -5.87
C LYS A 50 -2.60 31.01 -5.88
N VAL A 51 -3.07 30.46 -6.98
CA VAL A 51 -3.22 29.02 -7.11
C VAL A 51 -2.06 28.45 -7.92
N TRP A 52 -1.36 27.48 -7.35
CA TRP A 52 -0.24 26.80 -8.00
C TRP A 52 -0.62 25.34 -8.17
N THR A 53 -0.32 24.77 -9.34
CA THR A 53 -0.61 23.36 -9.60
C THR A 53 0.62 22.78 -10.30
N SER A 54 0.59 21.48 -10.57
CA SER A 54 1.68 20.83 -11.26
C SER A 54 1.27 20.73 -12.72
N HIS A 55 2.03 20.00 -13.52
CA HIS A 55 1.69 19.82 -14.93
C HIS A 55 0.84 18.58 -15.15
N MET A 56 0.53 17.90 -14.06
CA MET A 56 -0.28 16.69 -14.10
C MET A 56 -1.75 17.01 -14.30
N LYS A 57 -2.41 16.21 -15.11
CA LYS A 57 -3.83 16.39 -15.40
C LYS A 57 -4.69 16.50 -14.14
N ARG A 58 -4.41 15.67 -13.15
CA ARG A 58 -5.17 15.68 -11.90
C ARG A 58 -5.15 17.00 -11.12
N THR A 59 -4.03 17.72 -11.12
CA THR A 59 -3.99 18.98 -10.40
C THR A 59 -4.69 20.09 -11.19
N ILE A 60 -4.48 20.10 -12.50
CA ILE A 60 -5.08 21.10 -13.39
C ILE A 60 -6.61 21.03 -13.27
N GLN A 61 -7.14 19.82 -13.43
CA GLN A 61 -8.57 19.57 -13.36
C GLN A 61 -9.20 20.06 -12.06
N THR A 62 -8.45 19.96 -10.96
CA THR A 62 -8.95 20.42 -9.68
C THR A 62 -9.01 21.96 -9.67
N ALA A 63 -7.95 22.59 -10.17
CA ALA A 63 -7.88 24.04 -10.23
C ALA A 63 -9.00 24.63 -11.10
N GLU A 64 -9.27 24.00 -12.24
CA GLU A 64 -10.31 24.48 -13.16
C GLU A 64 -11.64 24.73 -12.48
N ALA A 65 -12.02 23.85 -11.57
CA ALA A 65 -13.28 23.98 -10.85
C ALA A 65 -13.34 25.25 -10.01
N LEU A 66 -12.18 25.81 -9.66
CA LEU A 66 -12.14 27.03 -8.86
C LEU A 66 -12.61 28.27 -9.62
N GLY A 67 -12.52 28.21 -10.95
CA GLY A 67 -12.94 29.34 -11.77
C GLY A 67 -12.01 30.54 -11.68
N VAL A 68 -10.78 30.31 -11.22
CA VAL A 68 -9.77 31.37 -11.09
C VAL A 68 -8.49 30.94 -11.79
N PRO A 69 -7.63 31.92 -12.16
CA PRO A 69 -6.38 31.59 -12.85
C PRO A 69 -5.41 30.86 -11.92
N TYR A 70 -4.52 30.06 -12.51
CA TYR A 70 -3.54 29.29 -11.77
C TYR A 70 -2.31 29.07 -12.64
N GLU A 71 -1.14 29.03 -12.01
CA GLU A 71 0.12 28.82 -12.73
C GLU A 71 0.60 27.39 -12.49
N GLN A 72 1.15 26.78 -13.54
CA GLN A 72 1.66 25.40 -13.47
C GLN A 72 3.16 25.33 -13.22
N TRP A 73 3.58 24.41 -12.36
CA TRP A 73 4.98 24.22 -12.01
C TRP A 73 5.38 22.75 -12.18
N LYS A 74 6.37 22.46 -13.03
CA LYS A 74 6.82 21.09 -13.25
C LYS A 74 7.51 20.56 -12.00
N ALA A 75 8.03 21.48 -11.18
CA ALA A 75 8.72 21.12 -9.95
C ALA A 75 7.73 20.52 -8.95
N LEU A 76 6.44 20.82 -9.13
CA LEU A 76 5.40 20.31 -8.24
C LEU A 76 4.85 18.94 -8.64
N ASN A 77 5.37 18.38 -9.73
CA ASN A 77 4.97 17.06 -10.21
C ASN A 77 5.31 16.02 -9.16
N GLU A 78 4.46 14.99 -9.04
CA GLU A 78 4.67 13.94 -8.06
C GLU A 78 5.95 13.17 -8.30
N ILE A 79 6.50 12.64 -7.21
CA ILE A 79 7.72 11.85 -7.23
C ILE A 79 7.58 10.70 -8.22
N ASP A 80 8.59 10.56 -9.07
CA ASP A 80 8.64 9.54 -10.11
C ASP A 80 8.94 8.14 -9.55
N ALA A 81 8.04 7.21 -9.83
CA ALA A 81 8.17 5.83 -9.36
C ALA A 81 9.01 4.99 -10.31
N GLY A 82 9.50 5.64 -11.35
CA GLY A 82 10.34 4.97 -12.32
C GLY A 82 9.71 3.74 -12.92
N VAL A 83 10.41 2.63 -12.79
CA VAL A 83 9.93 1.36 -13.34
C VAL A 83 8.65 0.86 -12.66
N CYS A 84 8.33 1.41 -11.49
CA CYS A 84 7.13 1.00 -10.75
C CYS A 84 5.92 1.87 -11.03
N GLU A 85 6.02 2.73 -12.02
CA GLU A 85 4.92 3.62 -12.41
C GLU A 85 3.65 2.85 -12.72
N GLU A 86 2.55 3.29 -12.10
CA GLU A 86 1.22 2.70 -12.28
C GLU A 86 1.01 1.27 -11.80
N MET A 87 1.90 0.81 -10.92
CA MET A 87 1.78 -0.53 -10.35
C MET A 87 1.10 -0.44 -8.99
N THR A 88 0.60 -1.58 -8.52
CA THR A 88 -0.03 -1.67 -7.22
C THR A 88 1.10 -2.11 -6.28
N TYR A 89 0.87 -2.01 -4.97
CA TYR A 89 1.91 -2.42 -4.01
C TYR A 89 2.09 -3.94 -4.03
N GLU A 90 1.23 -4.68 -4.72
CA GLU A 90 1.36 -6.14 -4.77
C GLU A 90 2.22 -6.45 -5.97
N GLU A 91 1.96 -5.75 -7.07
CA GLU A 91 2.74 -5.93 -8.30
C GLU A 91 4.19 -5.58 -8.03
N ILE A 92 4.42 -4.57 -7.20
CA ILE A 92 5.79 -4.19 -6.86
C ILE A 92 6.45 -5.32 -6.07
N GLN A 93 5.75 -5.82 -5.06
CA GLN A 93 6.23 -6.91 -4.22
C GLN A 93 6.51 -8.18 -5.04
N GLU A 94 5.74 -8.38 -6.10
CA GLU A 94 5.90 -9.56 -6.95
C GLU A 94 7.03 -9.43 -7.97
N HIS A 95 7.04 -8.35 -8.73
CA HIS A 95 8.06 -8.16 -9.75
C HIS A 95 9.36 -7.53 -9.24
N TYR A 96 9.26 -6.79 -8.13
CA TYR A 96 10.42 -6.14 -7.53
C TYR A 96 10.46 -6.38 -6.02
N PRO A 97 10.60 -7.66 -5.61
CA PRO A 97 10.64 -8.03 -4.19
C PRO A 97 11.81 -7.45 -3.40
N GLU A 98 12.98 -7.38 -4.01
CA GLU A 98 14.14 -6.87 -3.31
C GLU A 98 14.05 -5.36 -3.12
N GLU A 99 13.54 -4.68 -4.15
CA GLU A 99 13.37 -3.23 -4.11
C GLU A 99 12.43 -2.83 -2.99
N PHE A 100 11.31 -3.54 -2.88
CA PHE A 100 10.33 -3.27 -1.85
C PHE A 100 10.92 -3.36 -0.45
N ALA A 101 11.71 -4.40 -0.20
CA ALA A 101 12.34 -4.58 1.10
C ALA A 101 13.36 -3.49 1.40
N LEU A 102 14.18 -3.16 0.41
CA LEU A 102 15.21 -2.14 0.54
C LEU A 102 14.62 -0.79 0.92
N ARG A 103 13.47 -0.47 0.34
CA ARG A 103 12.79 0.79 0.62
C ARG A 103 12.44 0.92 2.10
N ASP A 104 12.05 -0.19 2.71
CA ASP A 104 11.66 -0.20 4.11
C ASP A 104 12.80 0.16 5.05
N GLN A 105 14.04 0.09 4.58
CA GLN A 105 15.20 0.42 5.40
C GLN A 105 15.37 1.92 5.55
N ASP A 106 15.07 2.65 4.48
CA ASP A 106 15.19 4.11 4.44
C ASP A 106 14.20 4.60 3.39
N LYS A 107 13.02 5.01 3.84
CA LYS A 107 11.97 5.49 2.94
C LYS A 107 12.33 6.84 2.32
N TYR A 108 13.20 7.59 3.00
CA TYR A 108 13.62 8.90 2.53
C TYR A 108 14.61 8.84 1.37
N ARG A 109 15.61 7.97 1.51
CA ARG A 109 16.64 7.83 0.48
C ARG A 109 16.39 6.76 -0.55
N TYR A 110 15.33 5.98 -0.38
CA TYR A 110 15.03 4.95 -1.36
C TYR A 110 14.68 5.58 -2.70
N ARG A 111 15.31 5.09 -3.75
CA ARG A 111 15.04 5.60 -5.08
C ARG A 111 14.59 4.48 -6.00
N TYR A 112 13.48 4.70 -6.69
CA TYR A 112 12.94 3.72 -7.62
C TYR A 112 13.85 3.52 -8.81
N PRO A 113 13.81 2.30 -9.39
CA PRO A 113 14.67 2.05 -10.55
C PRO A 113 14.19 2.98 -11.67
N LYS A 114 15.11 3.74 -12.25
CA LYS A 114 14.81 4.70 -13.31
C LYS A 114 13.90 5.82 -12.81
N GLY A 115 13.81 6.01 -11.49
CA GLY A 115 12.97 7.05 -10.93
C GLY A 115 13.69 7.89 -9.89
N GLU A 116 12.96 8.47 -8.94
CA GLU A 116 13.57 9.30 -7.90
C GLU A 116 13.22 8.93 -6.45
N SER A 117 13.77 9.69 -5.51
CA SER A 117 13.55 9.46 -4.09
C SER A 117 12.98 10.72 -3.44
N TYR A 118 12.75 10.67 -2.13
CA TYR A 118 12.24 11.81 -1.40
C TYR A 118 13.35 12.86 -1.36
N GLU A 119 14.58 12.38 -1.30
CA GLU A 119 15.75 13.23 -1.28
C GLU A 119 15.80 14.01 -2.59
N ASP A 120 15.63 13.30 -3.71
CA ASP A 120 15.64 13.94 -5.04
C ASP A 120 14.54 14.99 -5.14
N LEU A 121 13.34 14.64 -4.68
CA LEU A 121 12.18 15.54 -4.72
C LEU A 121 12.42 16.81 -3.89
N VAL A 122 13.06 16.67 -2.73
CA VAL A 122 13.37 17.82 -1.88
C VAL A 122 14.20 18.84 -2.66
N GLN A 123 15.25 18.36 -3.32
CA GLN A 123 16.13 19.20 -4.13
C GLN A 123 15.29 19.89 -5.21
N ARG A 124 14.41 19.12 -5.84
CA ARG A 124 13.53 19.62 -6.90
C ARG A 124 12.57 20.69 -6.40
N LEU A 125 12.16 20.59 -5.14
CA LEU A 125 11.22 21.52 -4.53
C LEU A 125 11.85 22.78 -3.93
N GLU A 126 13.17 22.87 -3.96
CA GLU A 126 13.87 24.04 -3.40
C GLU A 126 13.34 25.40 -3.87
N PRO A 127 13.25 25.62 -5.21
CA PRO A 127 12.73 26.91 -5.69
C PRO A 127 11.27 27.12 -5.37
N VAL A 128 10.53 26.04 -5.14
CA VAL A 128 9.10 26.12 -4.82
C VAL A 128 8.96 26.62 -3.39
N ILE A 129 9.78 26.06 -2.51
CA ILE A 129 9.80 26.42 -1.11
C ILE A 129 10.14 27.91 -0.97
N MET A 130 11.11 28.37 -1.77
CA MET A 130 11.51 29.78 -1.74
C MET A 130 10.42 30.76 -2.14
N GLU A 131 9.82 30.56 -3.31
CA GLU A 131 8.76 31.45 -3.77
C GLU A 131 7.58 31.37 -2.84
N LEU A 132 7.27 30.16 -2.41
CA LEU A 132 6.16 29.91 -1.49
C LEU A 132 6.40 30.68 -0.20
N GLU A 133 7.66 30.73 0.22
CA GLU A 133 8.04 31.43 1.43
C GLU A 133 7.77 32.93 1.25
N ARG A 134 8.35 33.53 0.23
CA ARG A 134 8.18 34.96 -0.06
C ARG A 134 6.84 35.37 -0.69
N GLN A 135 5.86 34.47 -0.68
CA GLN A 135 4.55 34.75 -1.24
C GLN A 135 3.57 35.12 -0.12
N GLU A 136 2.33 35.46 -0.47
CA GLU A 136 1.32 35.79 0.53
C GLU A 136 0.34 34.63 0.66
N ASN A 137 -0.95 34.86 0.46
CA ASN A 137 -1.94 33.78 0.54
C ASN A 137 -1.75 32.89 -0.69
N VAL A 138 -1.43 31.61 -0.47
CA VAL A 138 -1.21 30.70 -1.59
C VAL A 138 -1.87 29.33 -1.44
N LEU A 139 -2.56 28.91 -2.50
CA LEU A 139 -3.19 27.60 -2.52
C LEU A 139 -2.32 26.74 -3.44
N VAL A 140 -1.92 25.57 -2.97
CA VAL A 140 -1.11 24.67 -3.76
C VAL A 140 -1.81 23.32 -3.89
N ILE A 141 -2.28 23.03 -5.09
CA ILE A 141 -2.96 21.75 -5.36
C ILE A 141 -1.87 20.83 -5.90
N CYS A 142 -1.39 19.92 -5.05
CA CYS A 142 -0.32 19.02 -5.45
C CYS A 142 -0.53 17.51 -5.29
N HIS A 143 0.51 16.81 -4.85
CA HIS A 143 0.48 15.36 -4.70
C HIS A 143 0.95 14.92 -3.32
N GLN A 144 0.83 13.63 -3.03
CA GLN A 144 1.21 13.10 -1.72
C GLN A 144 2.64 13.38 -1.26
N ALA A 145 3.64 12.88 -1.98
CA ALA A 145 5.03 13.08 -1.60
C ALA A 145 5.40 14.56 -1.56
N VAL A 146 4.94 15.29 -2.58
CA VAL A 146 5.19 16.72 -2.67
C VAL A 146 4.63 17.46 -1.46
N MET A 147 3.39 17.16 -1.10
CA MET A 147 2.74 17.81 0.04
C MET A 147 3.46 17.51 1.35
N ARG A 148 4.02 16.31 1.45
CA ARG A 148 4.76 15.91 2.62
C ARG A 148 6.03 16.73 2.75
N CYS A 149 6.78 16.85 1.67
CA CYS A 149 8.02 17.63 1.68
C CYS A 149 7.72 19.08 2.06
N LEU A 150 6.70 19.66 1.43
CA LEU A 150 6.34 21.05 1.71
C LEU A 150 5.95 21.21 3.16
N LEU A 151 5.08 20.33 3.63
CA LEU A 151 4.60 20.34 5.01
C LEU A 151 5.75 20.21 6.00
N ALA A 152 6.67 19.26 5.76
CA ALA A 152 7.80 19.06 6.65
C ALA A 152 8.66 20.30 6.76
N TYR A 153 8.77 21.05 5.66
CA TYR A 153 9.57 22.27 5.67
C TYR A 153 8.96 23.31 6.61
N PHE A 154 7.66 23.54 6.49
CA PHE A 154 6.99 24.52 7.33
C PHE A 154 6.78 24.06 8.78
N LEU A 155 6.71 22.76 8.99
CA LEU A 155 6.53 22.22 10.34
C LEU A 155 7.85 21.74 10.93
N ASP A 156 8.94 22.05 10.24
CA ASP A 156 10.28 21.66 10.65
C ASP A 156 10.35 20.22 11.16
N LYS A 157 9.97 19.29 10.30
CA LYS A 157 9.99 17.87 10.61
C LYS A 157 11.27 17.30 10.00
N SER A 158 11.81 16.25 10.61
CA SER A 158 13.03 15.64 10.09
C SER A 158 12.76 14.78 8.86
N SER A 159 13.80 14.57 8.06
CA SER A 159 13.69 13.76 6.86
C SER A 159 13.25 12.35 7.27
N ASP A 160 13.54 12.01 8.52
CA ASP A 160 13.22 10.72 9.08
C ASP A 160 11.71 10.48 9.16
N GLU A 161 10.97 11.48 9.65
CA GLU A 161 9.52 11.38 9.79
C GLU A 161 8.75 11.92 8.58
N LEU A 162 9.47 12.53 7.66
CA LEU A 162 8.88 13.10 6.45
C LEU A 162 7.95 12.17 5.66
N PRO A 163 8.43 10.97 5.27
CA PRO A 163 7.61 10.02 4.51
C PRO A 163 6.37 9.49 5.23
N TYR A 164 6.24 9.75 6.52
CA TYR A 164 5.10 9.25 7.29
C TYR A 164 4.05 10.30 7.66
N LEU A 165 4.24 11.53 7.19
CA LEU A 165 3.29 12.60 7.50
C LEU A 165 1.94 12.31 6.86
N LYS A 166 0.87 12.66 7.56
CA LYS A 166 -0.48 12.43 7.09
C LYS A 166 -0.94 13.35 5.96
N CYS A 167 -1.03 12.80 4.76
CA CYS A 167 -1.48 13.56 3.59
C CYS A 167 -2.59 12.81 2.85
N PRO A 168 -3.74 12.62 3.52
CA PRO A 168 -4.84 11.91 2.88
C PRO A 168 -5.49 12.75 1.79
N LEU A 169 -6.28 12.12 0.94
CA LEU A 169 -6.97 12.84 -0.12
C LEU A 169 -8.09 13.68 0.45
N HIS A 170 -8.61 14.58 -0.37
CA HIS A 170 -9.72 15.45 -0.01
C HIS A 170 -9.61 16.18 1.32
N THR A 171 -8.39 16.57 1.68
CA THR A 171 -8.15 17.27 2.93
C THR A 171 -7.20 18.45 2.65
N VAL A 172 -7.66 19.65 2.96
CA VAL A 172 -6.84 20.85 2.77
C VAL A 172 -6.28 21.32 4.10
N LEU A 173 -4.96 21.46 4.16
CA LEU A 173 -4.27 21.90 5.36
C LEU A 173 -3.88 23.36 5.28
N LYS A 174 -4.50 24.17 6.13
CA LYS A 174 -4.26 25.60 6.19
C LYS A 174 -3.03 25.84 7.08
N LEU A 175 -1.93 26.27 6.47
CA LEU A 175 -0.69 26.53 7.20
C LEU A 175 -0.42 28.02 7.42
N THR A 176 -0.47 28.46 8.68
CA THR A 176 -0.21 29.86 9.02
C THR A 176 1.05 29.98 9.87
N PRO A 177 2.19 30.31 9.23
CA PRO A 177 3.47 30.46 9.94
C PRO A 177 3.40 31.59 10.97
N VAL A 178 3.84 31.29 12.18
CA VAL A 178 3.83 32.26 13.28
C VAL A 178 5.01 32.03 14.20
N ALA A 179 5.72 33.11 14.54
CA ALA A 179 6.89 33.12 15.41
C ALA A 179 7.52 31.80 15.86
N TYR A 180 6.78 30.99 16.61
CA TYR A 180 7.29 29.71 17.11
C TYR A 180 7.35 28.60 16.06
N GLY A 181 7.09 28.93 14.80
CA GLY A 181 7.13 27.95 13.75
C GLY A 181 5.99 28.11 12.76
N CYS A 182 4.99 27.26 12.85
CA CYS A 182 3.84 27.31 11.95
C CYS A 182 2.62 26.62 12.56
N ARG A 183 1.44 27.20 12.33
CA ARG A 183 0.19 26.62 12.83
C ARG A 183 -0.54 25.93 11.69
N VAL A 184 -1.21 24.82 12.00
CA VAL A 184 -1.95 24.05 11.00
C VAL A 184 -3.44 24.00 11.33
N GLU A 185 -4.26 23.84 10.30
CA GLU A 185 -5.71 23.75 10.45
C GLU A 185 -6.17 22.75 9.39
N SER A 186 -6.45 21.53 9.82
CA SER A 186 -6.88 20.46 8.92
C SER A 186 -8.36 20.58 8.56
N ILE A 187 -8.64 20.76 7.27
CA ILE A 187 -10.01 20.90 6.78
C ILE A 187 -10.37 19.71 5.90
N TYR A 188 -11.22 18.83 6.41
CA TYR A 188 -11.64 17.66 5.65
C TYR A 188 -12.86 18.05 4.83
N LEU A 189 -12.84 17.73 3.54
CA LEU A 189 -13.97 18.04 2.67
C LEU A 189 -14.58 16.71 2.24
N ASN A 190 -15.59 16.28 2.99
CA ASN A 190 -16.27 15.01 2.73
C ASN A 190 -17.18 14.98 1.51
N VAL A 191 -16.80 14.16 0.53
CA VAL A 191 -17.57 13.99 -0.69
C VAL A 191 -17.50 12.52 -1.11
N MET B 1 12.79 -37.31 2.53
CA MET B 1 12.74 -36.14 3.44
C MET B 1 11.48 -35.35 3.15
N ARG B 2 10.80 -34.89 4.18
CA ARG B 2 9.57 -34.12 4.02
C ARG B 2 9.86 -32.66 3.74
N SER B 3 8.88 -31.97 3.16
CA SER B 3 9.00 -30.55 2.86
C SER B 3 7.62 -29.90 2.83
N ILE B 4 7.54 -28.64 3.25
CA ILE B 4 6.29 -27.90 3.28
C ILE B 4 6.32 -26.77 2.26
N TYR B 5 5.40 -26.81 1.31
CA TYR B 5 5.32 -25.79 0.28
C TYR B 5 4.30 -24.74 0.71
N LEU B 6 4.72 -23.50 0.81
CA LEU B 6 3.83 -22.41 1.19
C LEU B 6 3.73 -21.41 0.06
N CYS B 7 2.52 -20.97 -0.22
CA CYS B 7 2.30 -19.98 -1.26
C CYS B 7 0.92 -19.38 -1.06
N ARG B 8 0.68 -18.25 -1.68
CA ARG B 8 -0.62 -17.61 -1.59
C ARG B 8 -1.48 -18.13 -2.72
N HIS B 9 -2.73 -17.74 -2.67
CA HIS B 9 -3.72 -18.06 -3.68
C HIS B 9 -3.28 -17.31 -4.93
N GLY B 10 -3.86 -17.65 -6.08
CA GLY B 10 -3.53 -16.94 -7.30
C GLY B 10 -4.05 -15.51 -7.14
N GLU B 11 -3.58 -14.61 -7.98
CA GLU B 11 -4.00 -13.21 -7.92
C GLU B 11 -5.53 -13.14 -7.97
N SER B 12 -6.11 -12.37 -7.07
CA SER B 12 -7.55 -12.23 -7.01
C SER B 12 -8.00 -10.92 -7.64
N GLU B 13 -9.31 -10.81 -7.83
CA GLU B 13 -9.95 -9.63 -8.40
C GLU B 13 -9.57 -8.41 -7.56
N LEU B 14 -9.78 -8.51 -6.24
CA LEU B 14 -9.47 -7.41 -5.34
C LEU B 14 -7.99 -7.07 -5.31
N ASN B 15 -7.12 -8.08 -5.39
CA ASN B 15 -5.67 -7.86 -5.40
C ASN B 15 -5.34 -6.95 -6.58
N LEU B 16 -5.77 -7.38 -7.76
CA LEU B 16 -5.55 -6.66 -9.01
C LEU B 16 -6.16 -5.28 -9.01
N ARG B 17 -7.35 -5.16 -8.39
CA ARG B 17 -8.09 -3.92 -8.31
C ARG B 17 -7.58 -2.97 -7.25
N GLY B 18 -6.57 -3.38 -6.50
CA GLY B 18 -6.06 -2.50 -5.50
C GLY B 18 -6.63 -2.51 -4.10
N ARG B 19 -7.35 -3.57 -3.75
CA ARG B 19 -7.98 -3.65 -2.44
C ARG B 19 -7.60 -4.82 -1.56
N ILE B 20 -7.70 -4.61 -0.25
CA ILE B 20 -7.35 -5.63 0.74
C ILE B 20 -8.52 -6.45 1.26
N GLY B 21 -8.20 -7.62 1.80
CA GLY B 21 -9.21 -8.50 2.36
C GLY B 21 -10.28 -8.96 1.39
N GLY B 22 -11.50 -9.09 1.89
CA GLY B 22 -12.62 -9.52 1.08
C GLY B 22 -12.57 -11.00 0.73
N ASP B 23 -13.43 -11.40 -0.20
CA ASP B 23 -13.50 -12.78 -0.62
C ASP B 23 -13.76 -12.81 -2.13
N SER B 24 -12.78 -12.34 -2.89
CA SER B 24 -12.92 -12.30 -4.34
C SER B 24 -12.34 -13.53 -4.99
N GLY B 25 -12.76 -13.77 -6.23
CA GLY B 25 -12.29 -14.92 -6.96
C GLY B 25 -10.98 -14.60 -7.65
N LEU B 26 -10.48 -15.56 -8.42
CA LEU B 26 -9.22 -15.40 -9.13
C LEU B 26 -9.43 -14.55 -10.38
N SER B 27 -8.41 -13.79 -10.73
CA SER B 27 -8.45 -12.97 -11.93
C SER B 27 -8.01 -13.91 -13.04
N ALA B 28 -8.07 -13.46 -14.28
CA ALA B 28 -7.64 -14.30 -15.40
C ALA B 28 -6.20 -14.76 -15.16
N ARG B 29 -5.36 -13.82 -14.75
CA ARG B 29 -3.95 -14.12 -14.48
C ARG B 29 -3.81 -15.05 -13.29
N GLY B 30 -4.67 -14.86 -12.30
CA GLY B 30 -4.63 -15.70 -11.11
C GLY B 30 -4.84 -17.15 -11.47
N LYS B 31 -5.81 -17.40 -12.35
CA LYS B 31 -6.14 -18.74 -12.82
C LYS B 31 -4.93 -19.35 -13.54
N GLN B 32 -4.21 -18.51 -14.29
CA GLN B 32 -3.03 -18.95 -15.02
C GLN B 32 -1.97 -19.47 -14.04
N TYR B 33 -1.81 -18.75 -12.93
CA TYR B 33 -0.84 -19.16 -11.90
C TYR B 33 -1.25 -20.50 -11.30
N ALA B 34 -2.55 -20.72 -11.14
CA ALA B 34 -3.06 -21.98 -10.59
C ALA B 34 -2.56 -23.15 -11.43
N TYR B 35 -2.58 -22.98 -12.74
CA TYR B 35 -2.12 -24.01 -13.66
C TYR B 35 -0.59 -24.13 -13.64
N ALA B 36 0.09 -23.01 -13.38
CA ALA B 36 1.54 -22.98 -13.30
C ALA B 36 1.97 -23.71 -12.04
N LEU B 37 1.19 -23.53 -10.97
CA LEU B 37 1.45 -24.17 -9.69
C LEU B 37 1.30 -25.69 -9.87
N ALA B 38 0.22 -26.10 -10.52
CA ALA B 38 -0.03 -27.52 -10.78
C ALA B 38 1.17 -28.11 -11.51
N ASN B 39 1.69 -27.37 -12.46
CA ASN B 39 2.84 -27.82 -13.24
C ASN B 39 4.08 -27.97 -12.36
N PHE B 40 4.32 -26.97 -11.51
CA PHE B 40 5.47 -26.99 -10.60
C PHE B 40 5.40 -28.21 -9.67
N ILE B 41 4.25 -28.43 -9.06
CA ILE B 41 4.05 -29.55 -8.15
C ILE B 41 4.36 -30.89 -8.83
N ARG B 42 3.72 -31.12 -9.98
CA ARG B 42 3.94 -32.35 -10.73
C ARG B 42 5.42 -32.54 -11.02
N SER B 43 6.07 -31.41 -11.29
CA SER B 43 7.50 -31.37 -11.59
C SER B 43 8.32 -31.86 -10.41
N GLN B 44 7.82 -31.61 -9.20
CA GLN B 44 8.50 -32.01 -7.97
C GLN B 44 8.49 -33.51 -7.72
N GLY B 45 7.50 -34.20 -8.26
CA GLY B 45 7.41 -35.64 -8.08
C GLY B 45 7.39 -35.99 -6.61
N ILE B 46 6.38 -35.50 -5.91
CA ILE B 46 6.23 -35.73 -4.47
C ILE B 46 5.40 -36.98 -4.19
N SER B 47 5.75 -37.71 -3.14
CA SER B 47 5.01 -38.89 -2.77
C SER B 47 3.88 -38.49 -1.82
N SER B 48 2.64 -38.72 -2.25
CA SER B 48 1.44 -38.41 -1.47
C SER B 48 1.41 -37.06 -0.76
N LEU B 49 1.32 -36.00 -1.55
CA LEU B 49 1.26 -34.63 -1.05
C LEU B 49 -0.16 -34.30 -0.65
N LYS B 50 -0.32 -33.65 0.50
CA LYS B 50 -1.65 -33.26 0.93
C LYS B 50 -1.81 -31.75 0.75
N VAL B 51 -2.87 -31.36 0.06
CA VAL B 51 -3.13 -29.95 -0.23
C VAL B 51 -4.11 -29.34 0.77
N TRP B 52 -3.69 -28.26 1.43
CA TRP B 52 -4.52 -27.54 2.40
C TRP B 52 -4.86 -26.15 1.85
N THR B 53 -6.06 -25.66 2.16
CA THR B 53 -6.51 -24.33 1.72
C THR B 53 -7.32 -23.72 2.86
N SER B 54 -7.85 -22.52 2.64
CA SER B 54 -8.68 -21.86 3.64
C SER B 54 -10.12 -21.97 3.11
N HIS B 55 -11.03 -21.18 3.67
CA HIS B 55 -12.41 -21.20 3.20
C HIS B 55 -12.65 -20.16 2.11
N MET B 56 -11.65 -19.32 1.91
CA MET B 56 -11.72 -18.25 0.92
C MET B 56 -11.76 -18.81 -0.50
N LYS B 57 -12.59 -18.21 -1.34
CA LYS B 57 -12.73 -18.66 -2.72
C LYS B 57 -11.40 -18.65 -3.46
N ARG B 58 -10.57 -17.65 -3.21
CA ARG B 58 -9.29 -17.55 -3.89
C ARG B 58 -8.37 -18.77 -3.69
N THR B 59 -8.27 -19.27 -2.47
CA THR B 59 -7.43 -20.43 -2.21
C THR B 59 -8.03 -21.70 -2.83
N ILE B 60 -9.35 -21.83 -2.72
CA ILE B 60 -10.07 -22.97 -3.26
C ILE B 60 -9.89 -23.11 -4.78
N GLN B 61 -10.17 -22.03 -5.51
CA GLN B 61 -10.04 -22.01 -6.97
C GLN B 61 -8.64 -22.38 -7.45
N THR B 62 -7.64 -22.05 -6.64
CA THR B 62 -6.26 -22.35 -6.98
C THR B 62 -6.07 -23.87 -6.84
N ALA B 63 -6.54 -24.42 -5.72
CA ALA B 63 -6.43 -25.86 -5.45
C ALA B 63 -7.21 -26.68 -6.47
N GLU B 64 -8.35 -26.15 -6.92
CA GLU B 64 -9.17 -26.82 -7.91
C GLU B 64 -8.37 -27.13 -9.17
N ALA B 65 -7.38 -26.29 -9.45
CA ALA B 65 -6.54 -26.49 -10.64
C ALA B 65 -5.50 -27.58 -10.45
N LEU B 66 -5.44 -28.16 -9.26
CA LEU B 66 -4.48 -29.23 -9.01
C LEU B 66 -5.04 -30.61 -9.29
N GLY B 67 -6.35 -30.69 -9.44
CA GLY B 67 -7.00 -31.96 -9.73
C GLY B 67 -6.77 -33.03 -8.69
N VAL B 68 -6.62 -32.61 -7.44
CA VAL B 68 -6.40 -33.52 -6.32
C VAL B 68 -7.21 -32.99 -5.14
N PRO B 69 -7.62 -33.88 -4.21
CA PRO B 69 -8.41 -33.51 -3.03
C PRO B 69 -7.69 -32.52 -2.13
N TYR B 70 -8.44 -31.59 -1.57
CA TYR B 70 -7.87 -30.59 -0.67
C TYR B 70 -8.71 -30.42 0.59
N GLU B 71 -8.05 -30.17 1.70
CA GLU B 71 -8.69 -29.98 2.99
C GLU B 71 -8.79 -28.51 3.30
N GLN B 72 -9.98 -28.05 3.67
CA GLN B 72 -10.22 -26.64 3.99
C GLN B 72 -10.11 -26.35 5.47
N TRP B 73 -9.41 -25.27 5.79
CA TRP B 73 -9.22 -24.82 7.16
C TRP B 73 -9.75 -23.40 7.33
N LYS B 74 -10.56 -23.18 8.36
CA LYS B 74 -11.12 -21.87 8.65
C LYS B 74 -10.03 -21.06 9.34
N ALA B 75 -9.03 -21.74 9.90
CA ALA B 75 -7.93 -21.10 10.59
C ALA B 75 -6.91 -20.49 9.62
N LEU B 76 -6.90 -20.96 8.38
CA LEU B 76 -5.98 -20.45 7.36
C LEU B 76 -6.53 -19.21 6.64
N ASN B 77 -7.73 -18.79 7.02
CA ASN B 77 -8.38 -17.62 6.43
C ASN B 77 -7.56 -16.37 6.71
N GLU B 78 -7.54 -15.45 5.75
CA GLU B 78 -6.76 -14.22 5.89
C GLU B 78 -7.23 -13.37 7.06
N ILE B 79 -6.28 -12.59 7.59
CA ILE B 79 -6.51 -11.68 8.71
C ILE B 79 -7.67 -10.73 8.40
N ASP B 80 -8.54 -10.53 9.38
CA ASP B 80 -9.70 -9.65 9.27
C ASP B 80 -9.27 -8.20 9.45
N ALA B 81 -9.49 -7.36 8.43
CA ALA B 81 -9.14 -5.96 8.47
C ALA B 81 -10.23 -5.13 9.12
N GLY B 82 -11.37 -5.77 9.39
CA GLY B 82 -12.49 -5.10 10.02
C GLY B 82 -13.12 -4.00 9.19
N VAL B 83 -13.21 -2.80 9.77
CA VAL B 83 -13.80 -1.65 9.11
C VAL B 83 -13.18 -1.33 7.75
N CYS B 84 -11.85 -1.47 7.65
CA CYS B 84 -11.19 -1.20 6.38
C CYS B 84 -10.96 -2.46 5.57
N GLU B 85 -12.05 -3.20 5.34
CA GLU B 85 -12.04 -4.44 4.56
C GLU B 85 -12.39 -3.98 3.15
N GLU B 86 -11.73 -4.55 2.14
CA GLU B 86 -11.98 -4.19 0.74
C GLU B 86 -11.71 -2.71 0.40
N MET B 87 -10.95 -2.04 1.26
CA MET B 87 -10.59 -0.64 1.06
C MET B 87 -9.17 -0.59 0.53
N THR B 88 -8.80 0.56 -0.03
CA THR B 88 -7.46 0.76 -0.53
C THR B 88 -6.71 1.51 0.57
N TYR B 89 -5.39 1.60 0.43
CA TYR B 89 -4.56 2.30 1.42
C TYR B 89 -4.92 3.79 1.44
N GLU B 90 -5.40 4.31 0.32
CA GLU B 90 -5.76 5.72 0.20
C GLU B 90 -7.08 5.95 0.93
N GLU B 91 -8.01 5.03 0.74
CA GLU B 91 -9.30 5.13 1.40
C GLU B 91 -9.11 5.03 2.91
N ILE B 92 -8.18 4.17 3.34
CA ILE B 92 -7.89 4.02 4.77
C ILE B 92 -7.30 5.32 5.32
N GLN B 93 -6.39 5.94 4.58
CA GLN B 93 -5.79 7.21 5.00
C GLN B 93 -6.87 8.27 5.14
N GLU B 94 -7.79 8.32 4.18
CA GLU B 94 -8.87 9.30 4.18
C GLU B 94 -9.94 9.09 5.27
N HIS B 95 -10.50 7.89 5.33
CA HIS B 95 -11.57 7.61 6.28
C HIS B 95 -11.18 7.16 7.69
N TYR B 96 -9.97 6.65 7.85
CA TYR B 96 -9.46 6.21 9.15
C TYR B 96 -8.00 6.67 9.25
N PRO B 97 -7.79 8.00 9.21
CA PRO B 97 -6.46 8.63 9.27
C PRO B 97 -5.56 8.32 10.47
N GLU B 98 -6.12 8.26 11.68
CA GLU B 98 -5.29 7.99 12.85
C GLU B 98 -4.92 6.52 13.00
N GLU B 99 -5.81 5.65 12.56
CA GLU B 99 -5.58 4.20 12.64
C GLU B 99 -4.39 3.84 11.75
N PHE B 100 -4.36 4.45 10.57
CA PHE B 100 -3.31 4.22 9.61
C PHE B 100 -1.92 4.37 10.25
N ALA B 101 -1.75 5.43 11.03
CA ALA B 101 -0.47 5.72 11.69
C ALA B 101 -0.27 4.93 12.98
N LEU B 102 -1.36 4.64 13.67
CA LEU B 102 -1.32 3.89 14.93
C LEU B 102 -0.59 2.57 14.66
N ARG B 103 -0.86 2.01 13.49
CA ARG B 103 -0.26 0.75 13.05
C ARG B 103 1.27 0.79 13.02
N ASP B 104 1.82 1.89 12.51
CA ASP B 104 3.26 2.06 12.41
C ASP B 104 4.02 1.90 13.72
N GLN B 105 3.35 2.16 14.84
CA GLN B 105 3.99 2.03 16.14
C GLN B 105 4.22 0.57 16.53
N ASP B 106 3.29 -0.30 16.16
CA ASP B 106 3.39 -1.73 16.47
C ASP B 106 2.50 -2.50 15.51
N LYS B 107 3.06 -2.89 14.37
CA LYS B 107 2.32 -3.62 13.35
C LYS B 107 1.97 -5.06 13.76
N TYR B 108 2.67 -5.58 14.77
CA TYR B 108 2.42 -6.94 15.24
C TYR B 108 1.18 -6.98 16.14
N ARG B 109 1.14 -6.08 17.10
CA ARG B 109 0.03 -5.99 18.04
C ARG B 109 -1.06 -5.02 17.62
N TYR B 110 -0.92 -4.41 16.45
CA TYR B 110 -1.94 -3.47 15.98
C TYR B 110 -3.17 -4.23 15.55
N ARG B 111 -4.34 -3.71 15.91
CA ARG B 111 -5.60 -4.35 15.55
C ARG B 111 -6.55 -3.31 14.94
N TYR B 112 -7.01 -3.58 13.73
CA TYR B 112 -7.93 -2.69 13.03
C TYR B 112 -9.30 -2.79 13.72
N PRO B 113 -10.07 -1.70 13.71
CA PRO B 113 -11.40 -1.71 14.35
C PRO B 113 -12.26 -2.87 13.82
N LYS B 114 -12.69 -3.73 14.74
CA LYS B 114 -13.52 -4.89 14.41
C LYS B 114 -12.77 -5.99 13.64
N GLY B 115 -11.44 -5.99 13.74
CA GLY B 115 -10.65 -6.97 13.03
C GLY B 115 -9.56 -7.61 13.86
N GLU B 116 -8.67 -8.34 13.20
CA GLU B 116 -7.58 -9.02 13.88
C GLU B 116 -6.26 -8.27 13.82
N SER B 117 -5.25 -8.85 14.47
CA SER B 117 -3.89 -8.31 14.51
C SER B 117 -2.97 -9.47 14.16
N TYR B 118 -1.69 -9.21 13.95
CA TYR B 118 -0.76 -10.29 13.64
C TYR B 118 -0.62 -11.21 14.85
N GLU B 119 -0.72 -10.64 16.05
CA GLU B 119 -0.62 -11.42 17.28
C GLU B 119 -1.80 -12.38 17.35
N ASP B 120 -2.99 -11.89 17.02
CA ASP B 120 -4.20 -12.72 17.02
C ASP B 120 -4.03 -13.88 16.04
N LEU B 121 -3.65 -13.54 14.81
CA LEU B 121 -3.44 -14.50 13.74
C LEU B 121 -2.47 -15.61 14.14
N VAL B 122 -1.36 -15.23 14.78
CA VAL B 122 -0.37 -16.22 15.24
C VAL B 122 -1.05 -17.24 16.15
N GLN B 123 -1.92 -16.77 17.02
CA GLN B 123 -2.65 -17.63 17.97
C GLN B 123 -3.63 -18.53 17.25
N ARG B 124 -4.39 -17.96 16.33
CA ARG B 124 -5.40 -18.70 15.56
C ARG B 124 -4.78 -19.80 14.70
N LEU B 125 -3.51 -19.65 14.36
CA LEU B 125 -2.81 -20.62 13.53
C LEU B 125 -2.20 -21.80 14.28
N GLU B 126 -2.15 -21.71 15.61
CA GLU B 126 -1.60 -22.77 16.46
C GLU B 126 -2.01 -24.18 16.02
N PRO B 127 -3.32 -24.44 15.85
CA PRO B 127 -3.81 -25.76 15.43
C PRO B 127 -3.20 -26.24 14.13
N VAL B 128 -3.09 -25.32 13.16
CA VAL B 128 -2.54 -25.63 11.85
C VAL B 128 -1.07 -26.05 11.97
N ILE B 129 -0.28 -25.24 12.68
CA ILE B 129 1.13 -25.52 12.88
C ILE B 129 1.32 -26.90 13.50
N MET B 130 0.46 -27.23 14.47
CA MET B 130 0.50 -28.52 15.13
C MET B 130 0.37 -29.63 14.09
N GLU B 131 -0.64 -29.51 13.23
CA GLU B 131 -0.89 -30.50 12.20
C GLU B 131 0.21 -30.54 11.15
N LEU B 132 0.76 -29.36 10.86
CA LEU B 132 1.84 -29.22 9.88
C LEU B 132 3.03 -30.06 10.31
N GLU B 133 3.22 -30.18 11.62
CA GLU B 133 4.32 -30.95 12.19
C GLU B 133 4.07 -32.45 12.07
N ARG B 134 2.80 -32.84 12.16
CA ARG B 134 2.40 -34.26 12.08
C ARG B 134 2.41 -34.79 10.64
N GLN B 135 2.39 -33.88 9.68
CA GLN B 135 2.38 -34.25 8.28
C GLN B 135 3.77 -34.46 7.67
N GLU B 136 3.81 -35.04 6.48
CA GLU B 136 5.06 -35.26 5.75
C GLU B 136 5.21 -34.12 4.76
N ASN B 137 4.60 -34.29 3.58
CA ASN B 137 4.64 -33.28 2.52
C ASN B 137 3.29 -32.59 2.42
N VAL B 138 3.30 -31.27 2.56
CA VAL B 138 2.08 -30.48 2.52
C VAL B 138 2.23 -29.20 1.70
N LEU B 139 1.15 -28.83 1.02
CA LEU B 139 1.12 -27.61 0.23
C LEU B 139 0.00 -26.79 0.85
N VAL B 140 0.38 -25.68 1.48
CA VAL B 140 -0.59 -24.80 2.11
C VAL B 140 -0.80 -23.59 1.21
N ILE B 141 -1.94 -23.56 0.53
CA ILE B 141 -2.29 -22.45 -0.36
C ILE B 141 -3.05 -21.48 0.55
N CYS B 142 -2.37 -20.42 0.98
CA CYS B 142 -3.00 -19.47 1.89
C CYS B 142 -3.05 -17.98 1.51
N HIS B 143 -2.75 -17.11 2.47
CA HIS B 143 -2.81 -15.68 2.28
C HIS B 143 -1.54 -14.99 2.78
N GLN B 144 -1.40 -13.70 2.49
CA GLN B 144 -0.22 -12.94 2.88
C GLN B 144 0.09 -12.94 4.38
N ALA B 145 -0.81 -12.36 5.17
CA ALA B 145 -0.62 -12.27 6.62
C ALA B 145 -0.45 -13.64 7.26
N VAL B 146 -1.19 -14.62 6.74
CA VAL B 146 -1.11 -15.99 7.22
C VAL B 146 0.26 -16.61 6.89
N MET B 147 0.66 -16.51 5.62
CA MET B 147 1.93 -17.07 5.17
C MET B 147 3.10 -16.48 5.94
N ARG B 148 2.98 -15.21 6.34
CA ARG B 148 4.01 -14.55 7.11
C ARG B 148 4.15 -15.19 8.49
N CYS B 149 3.03 -15.42 9.16
CA CYS B 149 3.04 -16.05 10.48
C CYS B 149 3.59 -17.48 10.39
N LEU B 150 3.15 -18.22 9.39
CA LEU B 150 3.62 -19.59 9.19
C LEU B 150 5.12 -19.59 8.95
N LEU B 151 5.57 -18.73 8.05
CA LEU B 151 6.97 -18.62 7.69
C LEU B 151 7.82 -18.24 8.90
N ALA B 152 7.35 -17.25 9.65
CA ALA B 152 8.03 -16.77 10.85
C ALA B 152 8.27 -17.90 11.84
N TYR B 153 7.33 -18.84 11.92
CA TYR B 153 7.45 -19.97 12.82
C TYR B 153 8.62 -20.88 12.45
N PHE B 154 8.60 -21.37 11.21
CA PHE B 154 9.64 -22.28 10.72
C PHE B 154 11.03 -21.65 10.59
N LEU B 155 11.07 -20.34 10.35
CA LEU B 155 12.33 -19.64 10.20
C LEU B 155 12.77 -18.92 11.47
N ASP B 156 12.05 -19.17 12.56
CA ASP B 156 12.33 -18.58 13.87
C ASP B 156 12.57 -17.07 13.82
N LYS B 157 11.66 -16.36 13.18
CA LYS B 157 11.78 -14.91 13.07
C LYS B 157 11.04 -14.26 14.25
N SER B 158 11.52 -13.10 14.68
CA SER B 158 10.93 -12.39 15.80
C SER B 158 9.58 -11.80 15.42
N SER B 159 8.83 -11.33 16.42
CA SER B 159 7.52 -10.72 16.17
C SER B 159 7.68 -9.45 15.35
N ASP B 160 8.86 -8.85 15.43
CA ASP B 160 9.19 -7.62 14.70
C ASP B 160 9.42 -7.90 13.23
N GLU B 161 10.24 -8.90 12.93
CA GLU B 161 10.54 -9.26 11.54
C GLU B 161 9.32 -9.82 10.81
N LEU B 162 8.41 -10.45 11.56
CA LEU B 162 7.22 -11.09 11.01
C LEU B 162 6.35 -10.27 10.06
N PRO B 163 5.87 -9.08 10.49
CA PRO B 163 5.02 -8.26 9.61
C PRO B 163 5.70 -7.76 8.34
N TYR B 164 7.00 -8.00 8.21
CA TYR B 164 7.76 -7.53 7.05
C TYR B 164 8.35 -8.65 6.18
N LEU B 165 7.97 -9.89 6.46
CA LEU B 165 8.48 -11.01 5.68
C LEU B 165 7.96 -10.96 4.25
N LYS B 166 8.80 -11.34 3.30
CA LYS B 166 8.46 -11.32 1.90
C LYS B 166 7.49 -12.43 1.47
N CYS B 167 6.23 -12.05 1.25
CA CYS B 167 5.20 -13.01 0.83
C CYS B 167 4.45 -12.47 -0.38
N PRO B 168 5.13 -12.34 -1.53
CA PRO B 168 4.51 -11.84 -2.76
C PRO B 168 3.63 -12.89 -3.42
N LEU B 169 2.85 -12.45 -4.39
CA LEU B 169 1.97 -13.35 -5.12
C LEU B 169 2.77 -14.16 -6.14
N HIS B 170 2.32 -15.37 -6.42
CA HIS B 170 2.94 -16.28 -7.38
C HIS B 170 4.33 -16.79 -7.02
N THR B 171 4.66 -16.76 -5.74
CA THR B 171 5.95 -17.24 -5.27
C THR B 171 5.74 -18.38 -4.29
N VAL B 172 6.35 -19.52 -4.58
CA VAL B 172 6.22 -20.69 -3.72
C VAL B 172 7.48 -20.86 -2.86
N LEU B 173 7.29 -20.86 -1.54
CA LEU B 173 8.41 -21.04 -0.62
C LEU B 173 8.42 -22.49 -0.19
N LYS B 174 9.46 -23.21 -0.60
CA LYS B 174 9.59 -24.62 -0.25
C LYS B 174 10.49 -24.75 0.98
N LEU B 175 9.87 -25.10 2.10
CA LEU B 175 10.58 -25.27 3.35
C LEU B 175 10.93 -26.74 3.55
N THR B 176 12.19 -27.02 3.87
CA THR B 176 12.66 -28.38 4.11
C THR B 176 13.26 -28.41 5.51
N PRO B 177 12.48 -28.86 6.50
CA PRO B 177 12.97 -28.93 7.87
C PRO B 177 14.18 -29.84 7.96
N VAL B 178 15.25 -29.33 8.58
CA VAL B 178 16.49 -30.09 8.73
C VAL B 178 16.98 -29.96 10.17
N ALA B 179 17.99 -30.76 10.50
CA ALA B 179 18.58 -30.77 11.84
C ALA B 179 18.82 -29.38 12.44
N TYR B 180 19.49 -28.51 11.69
CA TYR B 180 19.79 -27.16 12.19
C TYR B 180 18.58 -26.23 12.21
N GLY B 181 17.51 -26.60 11.51
CA GLY B 181 16.34 -25.76 11.47
C GLY B 181 15.42 -26.05 10.30
N CYS B 182 15.41 -25.14 9.33
CA CYS B 182 14.55 -25.29 8.16
C CYS B 182 15.13 -24.54 6.95
N ARG B 183 15.37 -25.28 5.86
CA ARG B 183 15.90 -24.68 4.64
C ARG B 183 14.73 -24.08 3.86
N VAL B 184 15.02 -23.10 3.01
CA VAL B 184 13.99 -22.45 2.19
C VAL B 184 14.48 -22.15 0.80
N GLU B 185 13.63 -22.40 -0.19
CA GLU B 185 13.94 -22.11 -1.58
C GLU B 185 12.77 -21.31 -2.11
N SER B 186 13.04 -20.27 -2.88
CA SER B 186 11.99 -19.42 -3.44
C SER B 186 11.79 -19.72 -4.91
N ILE B 187 10.57 -20.09 -5.28
CA ILE B 187 10.27 -20.38 -6.68
C ILE B 187 9.22 -19.40 -7.18
N TYR B 188 9.60 -18.52 -8.08
CA TYR B 188 8.67 -17.54 -8.63
C TYR B 188 8.08 -18.08 -9.94
N LEU B 189 6.76 -18.17 -10.00
CA LEU B 189 6.08 -18.65 -11.20
C LEU B 189 5.53 -17.45 -11.96
N ASN B 190 6.21 -17.11 -13.06
CA ASN B 190 5.81 -15.97 -13.87
C ASN B 190 4.69 -16.26 -14.86
N VAL B 191 3.60 -15.54 -14.71
CA VAL B 191 2.43 -15.65 -15.56
C VAL B 191 1.84 -14.25 -15.71
P PO4 C . -0.78 11.18 -5.87
O1 PO4 C . 0.50 11.45 -5.18
O2 PO4 C . -1.90 11.62 -4.99
O3 PO4 C . -0.89 9.71 -6.13
O4 PO4 C . -0.82 11.93 -7.17
PG GTP D . 4.14 8.88 -4.40
O1G GTP D . 4.43 10.21 -3.87
O2G GTP D . 5.12 8.24 -5.35
O3G GTP D . 2.72 8.53 -4.48
O3B GTP D . 4.30 8.20 -3.05
PB GTP D . 4.63 8.73 -1.55
O1B GTP D . 6.05 8.45 -1.28
O2B GTP D . 4.19 10.18 -1.36
O3A GTP D . 3.82 7.74 -0.57
PA GTP D . 4.24 6.56 0.52
O1A GTP D . 5.24 7.18 1.39
O2A GTP D . 3.00 6.01 1.17
O5' GTP D . 4.92 5.43 -0.43
C5' GTP D . 6.16 5.58 -1.11
C4' GTP D . 6.15 5.02 -2.48
O4' GTP D . 5.35 3.82 -2.58
C3' GTP D . 5.55 5.98 -3.48
O3' GTP D . 6.15 5.87 -4.77
C2' GTP D . 4.06 5.55 -3.55
O2' GTP D . 3.41 5.90 -4.76
C1' GTP D . 4.16 4.04 -3.41
N9 GTP D . 3.08 3.43 -2.65
C8 GTP D . 1.85 3.87 -2.16
N7 GTP D . 1.20 2.96 -1.51
C5 GTP D . 2.06 1.86 -1.59
C6 GTP D . 1.94 0.51 -1.08
O6 GTP D . 1.07 -0.04 -0.43
N1 GTP D . 3.06 -0.25 -1.41
C2 GTP D . 4.14 0.21 -2.14
N2 GTP D . 5.12 -0.59 -2.42
N3 GTP D . 4.22 1.42 -2.59
C4 GTP D . 3.16 2.18 -2.28
P PO4 E . -4.44 -11.98 0.58
O1 PO4 E . -4.20 -10.94 1.63
O2 PO4 E . -3.38 -13.03 0.67
O3 PO4 E . -4.38 -11.34 -0.78
O4 PO4 E . -5.78 -12.60 0.78
PG GTP F . -3.37 -8.24 4.61
O1G GTP F . -2.58 -9.47 4.39
O2G GTP F . -4.47 -8.24 5.63
O3G GTP F . -3.47 -7.38 3.44
O3B GTP F . -2.22 -7.44 5.22
PB GTP F . -0.66 -7.78 5.50
O1B GTP F . -0.39 -7.31 6.86
O2B GTP F . -0.31 -9.24 5.23
O3A GTP F . 0.17 -6.80 4.52
PA GTP F . 1.16 -5.51 4.79
O1A GTP F . 2.09 -5.95 5.83
O2A GTP F . 1.71 -5.00 3.49
O5' GTP F . 0.11 -4.42 5.39
C5' GTP F . -0.67 -4.62 6.56
C4' GTP F . -1.97 -3.88 6.53
O4' GTP F . -1.92 -2.77 5.59
C3' GTP F . -3.05 -4.79 5.99
O3' GTP F . -4.33 -4.51 6.57
C2' GTP F . -3.05 -4.46 4.47
O2' GTP F . -4.21 -4.84 3.80
C1' GTP F . -2.91 -2.94 4.52
N9 GTP F . -2.38 -2.31 3.27
C8 GTP F . -2.32 -2.74 1.95
N7 GTP F . -1.78 -1.87 1.13
C5 GTP F . -1.47 -0.79 1.99
C6 GTP F . -0.86 0.52 1.74
O6 GTP F . -0.45 1.04 0.70
N1 GTP F . -0.74 1.27 2.94
C2 GTP F . -1.17 0.82 4.16
N2 GTP F . -1.00 1.58 5.22
N3 GTP F . -1.73 -0.34 4.37
C4 GTP F . -1.86 -1.09 3.26
#